data_2BOC
#
_entry.id   2BOC
#
_cell.length_a   154.680
_cell.length_b   154.680
_cell.length_c   76.190
_cell.angle_alpha   90.00
_cell.angle_beta   90.00
_cell.angle_gamma   90.00
#
_symmetry.space_group_name_H-M   'I 4'
#
loop_
_entity.id
_entity.type
_entity.pdbx_description
1 polymer 'ANTIBODY FAB FRAGMENT HEAVY CHAIN'
2 polymer 'ANTIBODY FAB FRAGMENT LIGHT CHAIN'
3 polymer 'POTASSIUM CHANNEL KCSA'
4 non-polymer 'THALLIUM (I) ION'
5 non-polymer 'COBALT (II) ION'
6 non-polymer 'TETRAETHYLARSONIUM ION'
7 water water
#
loop_
_entity_poly.entity_id
_entity_poly.type
_entity_poly.pdbx_seq_one_letter_code
_entity_poly.pdbx_strand_id
1 'polypeptide(L)'
;QVQLQQPGAELVKPGASVKLSCKASGYTFTSDWIHWVKQRPGHGLEWIGEIIPSYGRANYNEKIQKKATLTADKSSSTAF
MQLSSLTSEDSAVYYCARERGDGYFAVWGAGTTVTVSSAKTTPPSVYPLAPGSAAQTNSMVTLGCLVKGYFPEPVTVTWN
SGSLSSGVHTFPAVLQSDLYTLSSSVTVPSSSWPSETVTCNVAHPASSTKVDKKIVPRD
;
A
2 'polypeptide(L)'
;DILLTQSPAILSVSPGERVSFSCRASQSIGTDIHWYQQRTNGSPRLLIKYASESISGIPSRFSGSGSGTDFTLSINSVES
EDIANYYCQQSNRWPFTFGSGTKLEIKRADAAPTVSIFPPSSEQLTSGGASVVCFLNNFYPKDINVKWKIDGSERQNGVL
NSWTDQDSKDSTYSMSSTLTLTKDEYERHNSYTCEATHKTSTSPIVKSFNRN
;
B
3 'polypeptide(L)'
;MAPMLSGLLARLVKLLLGRHGSALHWRAAGAATVLLVIVLLAGSYLAVLAERGAPGAQLITYPRALWWSVETATTVGYGD
LYPVTLWGRCVAVVVMVAGITSFGLVTAALATWFVGREQERRGH
;
C
#
loop_
_chem_comp.id
_chem_comp.type
_chem_comp.name
_chem_comp.formula
CO non-polymer 'COBALT (II) ION' 'Co 2'
T1A non-polymer 'TETRAETHYLARSONIUM ION' 'C8 H20 As 1'
TL non-polymer 'THALLIUM (I) ION' 'Tl 1'
#
# COMPACT_ATOMS: atom_id res chain seq x y z
N GLN A 1 12.80 -8.58 -8.72
CA GLN A 1 13.37 -7.94 -7.49
C GLN A 1 12.61 -6.67 -7.07
N VAL A 2 12.68 -6.36 -5.76
CA VAL A 2 12.07 -5.15 -5.15
C VAL A 2 12.53 -3.85 -5.82
N GLN A 3 11.59 -3.20 -6.51
CA GLN A 3 11.89 -2.05 -7.36
C GLN A 3 11.97 -0.70 -6.63
N LEU A 4 11.26 -0.52 -5.52
CA LEU A 4 11.28 0.75 -4.77
C LEU A 4 11.59 0.53 -3.29
N GLN A 5 12.71 1.05 -2.83
CA GLN A 5 13.19 0.78 -1.48
C GLN A 5 13.04 2.02 -0.62
N GLN A 6 12.33 1.87 0.50
CA GLN A 6 12.10 2.97 1.42
C GLN A 6 12.45 2.57 2.82
N PRO A 7 12.99 3.50 3.61
CA PRO A 7 13.14 3.31 5.05
C PRO A 7 11.86 2.84 5.74
N GLY A 8 11.98 1.94 6.70
CA GLY A 8 10.81 1.44 7.42
C GLY A 8 10.15 2.49 8.28
N ALA A 9 10.95 3.36 8.88
CA ALA A 9 10.43 4.34 9.81
C ALA A 9 11.27 5.60 9.91
N GLU A 10 10.61 6.69 10.24
CA GLU A 10 11.27 7.92 10.63
C GLU A 10 10.47 8.55 11.75
N LEU A 11 11.16 8.85 12.84
CA LEU A 11 10.59 9.61 13.96
C LEU A 11 11.00 11.07 13.75
N VAL A 12 10.06 11.99 14.02
CA VAL A 12 10.30 13.42 13.85
C VAL A 12 9.61 14.19 14.98
N LYS A 13 10.24 15.28 15.43
CA LYS A 13 9.68 16.13 16.49
C LYS A 13 8.75 17.19 15.90
N PRO A 14 7.74 17.64 16.66
CA PRO A 14 6.84 18.69 16.17
C PRO A 14 7.61 19.93 15.74
N GLY A 15 7.19 20.52 14.63
CA GLY A 15 7.93 21.62 14.01
C GLY A 15 9.13 21.18 13.17
N ALA A 16 9.75 20.05 13.52
CA ALA A 16 10.89 19.54 12.77
C ALA A 16 10.52 19.12 11.34
N SER A 17 11.49 18.56 10.61
CA SER A 17 11.30 18.16 9.21
C SER A 17 12.15 16.92 8.88
N VAL A 18 11.64 16.08 7.98
CA VAL A 18 12.34 14.87 7.58
C VAL A 18 12.37 14.74 6.07
N LYS A 19 13.45 14.14 5.56
CA LYS A 19 13.61 13.90 4.14
C LYS A 19 13.48 12.40 3.95
N LEU A 20 12.47 11.96 3.21
CA LEU A 20 12.26 10.54 2.95
C LEU A 20 12.93 10.18 1.65
N SER A 21 13.51 8.99 1.60
CA SER A 21 14.19 8.51 0.41
C SER A 21 13.35 7.42 -0.21
N CYS A 22 13.60 7.17 -1.48
CA CYS A 22 12.88 6.14 -2.20
C CYS A 22 13.78 5.73 -3.32
N LYS A 23 14.56 4.67 -3.11
CA LYS A 23 15.54 4.24 -4.09
C LYS A 23 14.88 3.25 -5.01
N ALA A 24 15.09 3.45 -6.31
CA ALA A 24 14.50 2.60 -7.34
C ALA A 24 15.54 1.85 -8.19
N SER A 25 15.14 0.68 -8.67
CA SER A 25 15.92 -0.09 -9.63
C SER A 25 15.00 -0.93 -10.52
N GLY A 26 15.57 -1.63 -11.49
CA GLY A 26 14.79 -2.20 -12.58
C GLY A 26 14.80 -1.22 -13.72
N TYR A 27 13.97 -1.46 -14.73
CA TYR A 27 13.90 -0.62 -15.94
C TYR A 27 13.60 0.84 -15.57
N THR A 28 14.41 1.76 -16.08
CA THR A 28 14.19 3.21 -15.89
C THR A 28 13.97 3.87 -17.25
N PHE A 29 12.90 4.65 -17.39
CA PHE A 29 12.72 5.45 -18.59
C PHE A 29 12.72 6.92 -18.16
N THR A 30 12.86 7.83 -19.13
CA THR A 30 12.72 9.26 -18.83
C THR A 30 11.24 9.61 -18.70
N SER A 31 10.42 8.81 -19.36
CA SER A 31 8.96 8.90 -19.23
C SER A 31 8.43 8.41 -17.87
N ASP A 32 9.27 8.38 -16.83
CA ASP A 32 8.88 7.81 -15.54
C ASP A 32 8.57 8.93 -14.55
N TRP A 33 7.46 8.78 -13.83
CA TRP A 33 7.05 9.70 -12.77
C TRP A 33 7.05 8.96 -11.46
N ILE A 34 7.65 9.55 -10.43
CA ILE A 34 7.63 8.94 -9.10
C ILE A 34 6.62 9.69 -8.27
N HIS A 35 5.65 8.95 -7.74
CA HIS A 35 4.54 9.53 -7.01
C HIS A 35 4.70 9.27 -5.53
N TRP A 36 4.04 10.08 -4.71
CA TRP A 36 4.09 9.92 -3.25
C TRP A 36 2.69 9.96 -2.67
N VAL A 37 2.35 8.95 -1.89
CA VAL A 37 1.00 8.77 -1.39
C VAL A 37 1.01 8.64 0.13
N LYS A 38 0.04 9.29 0.78
CA LYS A 38 -0.02 9.39 2.23
C LYS A 38 -1.22 8.63 2.77
N GLN A 39 -0.97 7.80 3.78
CA GLN A 39 -2.01 6.98 4.39
C GLN A 39 -1.93 7.07 5.90
N ARG A 40 -2.84 7.82 6.48
CA ARG A 40 -2.94 7.93 7.93
C ARG A 40 -3.62 6.68 8.44
N PRO A 41 -3.24 6.21 9.62
CA PRO A 41 -3.77 4.95 10.16
C PRO A 41 -5.28 4.95 10.10
N GLY A 42 -5.85 3.83 9.64
CA GLY A 42 -7.28 3.70 9.52
C GLY A 42 -7.90 4.42 8.35
N HIS A 43 -7.16 5.34 7.71
CA HIS A 43 -7.69 6.07 6.56
C HIS A 43 -7.17 5.42 5.30
N GLY A 44 -7.63 5.94 4.17
CA GLY A 44 -7.19 5.47 2.87
C GLY A 44 -6.14 6.37 2.28
N LEU A 45 -6.01 6.29 0.97
CA LEU A 45 -4.86 6.82 0.26
C LEU A 45 -5.09 8.25 -0.22
N GLU A 46 -4.04 9.06 -0.10
CA GLU A 46 -4.09 10.49 -0.46
C GLU A 46 -2.88 10.88 -1.32
N TRP A 47 -3.12 11.28 -2.57
CA TRP A 47 -2.04 11.70 -3.45
C TRP A 47 -1.41 12.99 -2.97
N ILE A 48 -0.09 13.01 -2.83
CA ILE A 48 0.62 14.19 -2.34
C ILE A 48 1.23 14.98 -3.47
N GLY A 49 1.92 14.30 -4.37
CA GLY A 49 2.56 14.95 -5.50
C GLY A 49 3.40 13.98 -6.29
N GLU A 50 4.11 14.50 -7.29
CA GLU A 50 4.78 13.67 -8.30
C GLU A 50 6.02 14.37 -8.81
N ILE A 51 6.97 13.60 -9.32
CA ILE A 51 8.16 14.15 -9.93
C ILE A 51 8.59 13.32 -11.11
N ILE A 52 9.17 13.98 -12.09
CA ILE A 52 9.76 13.31 -13.24
C ILE A 52 11.25 13.48 -13.10
N PRO A 53 11.97 12.46 -12.64
CA PRO A 53 13.39 12.62 -12.34
C PRO A 53 14.24 12.94 -13.56
N SER A 54 13.83 12.50 -14.75
CA SER A 54 14.55 12.83 -16.00
C SER A 54 14.35 14.29 -16.43
N TYR A 55 14.08 15.16 -15.46
CA TYR A 55 13.73 16.55 -15.71
C TYR A 55 13.63 17.31 -14.39
N GLY A 56 13.08 16.66 -13.37
CA GLY A 56 13.03 17.19 -12.03
C GLY A 56 11.89 18.16 -11.80
N ARG A 57 10.92 18.20 -12.71
CA ARG A 57 9.70 18.97 -12.46
C ARG A 57 8.88 18.17 -11.45
N ALA A 58 8.21 18.89 -10.55
CA ALA A 58 7.34 18.25 -9.58
C ALA A 58 6.05 19.04 -9.43
N ASN A 59 4.95 18.30 -9.30
CA ASN A 59 3.64 18.88 -9.11
C ASN A 59 3.10 18.33 -7.80
N TYR A 60 2.26 19.10 -7.13
CA TYR A 60 1.79 18.75 -5.78
C TYR A 60 0.28 18.85 -5.66
N ASN A 61 -0.27 18.10 -4.72
CA ASN A 61 -1.68 18.21 -4.39
C ASN A 61 -1.96 19.60 -3.83
N GLU A 62 -2.74 20.37 -4.60
CA GLU A 62 -3.13 21.73 -4.24
C GLU A 62 -4.36 21.77 -3.33
N LYS A 63 -5.07 20.63 -3.23
CA LYS A 63 -6.26 20.50 -2.35
C LYS A 63 -5.89 20.55 -0.86
N ILE A 64 -4.62 20.27 -0.53
CA ILE A 64 -4.18 20.12 0.86
C ILE A 64 -2.97 21.00 1.16
N GLN A 65 -2.71 21.21 2.44
CA GLN A 65 -1.62 22.06 2.88
C GLN A 65 -0.31 21.51 2.36
N LYS A 66 0.42 22.29 1.55
CA LYS A 66 1.70 21.84 1.01
C LYS A 66 2.72 21.72 2.13
N LYS A 67 3.02 20.49 2.52
CA LYS A 67 4.03 20.21 3.53
C LYS A 67 5.23 19.46 2.95
N ALA A 68 5.34 19.38 1.63
CA ALA A 68 6.41 18.58 0.97
C ALA A 68 7.16 19.31 -0.14
N THR A 69 8.26 18.70 -0.54
CA THR A 69 9.11 19.21 -1.60
C THR A 69 9.84 18.03 -2.23
N LEU A 70 9.48 17.71 -3.47
CA LEU A 70 10.08 16.58 -4.15
C LEU A 70 11.35 16.98 -4.86
N THR A 71 12.38 16.14 -4.70
CA THR A 71 13.60 16.24 -5.48
C THR A 71 13.99 14.81 -5.88
N ALA A 72 14.85 14.71 -6.88
CA ALA A 72 15.31 13.41 -7.37
C ALA A 72 16.82 13.46 -7.65
N ASP A 73 17.47 12.32 -7.47
CA ASP A 73 18.91 12.20 -7.74
C ASP A 73 19.10 11.20 -8.86
N LYS A 74 19.38 11.73 -10.05
CA LYS A 74 19.34 10.93 -11.29
C LYS A 74 20.35 9.76 -11.32
N SER A 75 21.53 9.97 -10.74
CA SER A 75 22.58 8.94 -10.70
C SER A 75 22.22 7.73 -9.83
N SER A 76 21.96 8.01 -8.55
CA SER A 76 21.57 6.99 -7.56
C SER A 76 20.13 6.51 -7.71
N SER A 77 19.48 6.92 -8.82
CA SER A 77 18.04 6.76 -9.05
C SER A 77 17.24 6.68 -7.75
N THR A 78 17.25 7.79 -7.02
CA THR A 78 16.54 7.93 -5.75
C THR A 78 15.69 9.20 -5.71
N ALA A 79 14.42 9.05 -5.32
CA ALA A 79 13.51 10.18 -5.14
C ALA A 79 13.51 10.57 -3.66
N PHE A 80 13.28 11.86 -3.42
CA PHE A 80 13.36 12.41 -2.08
C PHE A 80 12.19 13.31 -1.83
N MET A 81 11.39 12.97 -0.83
CA MET A 81 10.35 13.87 -0.41
C MET A 81 10.78 14.56 0.87
N GLN A 82 10.75 15.88 0.84
CA GLN A 82 11.21 16.68 1.94
C GLN A 82 9.96 17.25 2.64
N LEU A 83 9.63 16.68 3.80
CA LEU A 83 8.45 17.06 4.60
C LEU A 83 8.87 17.92 5.77
N SER A 84 8.35 19.14 5.89
CA SER A 84 8.78 20.05 6.98
C SER A 84 7.65 20.64 7.84
N SER A 85 8.05 21.27 8.95
CA SER A 85 7.10 21.73 10.00
C SER A 85 5.92 20.77 10.21
N LEU A 86 6.21 19.67 10.89
CA LEU A 86 5.24 18.61 11.04
C LEU A 86 4.47 18.69 12.34
N THR A 87 3.30 18.08 12.35
CA THR A 87 2.49 17.95 13.55
C THR A 87 1.93 16.53 13.58
N SER A 88 1.33 16.13 14.69
CA SER A 88 0.77 14.77 14.82
C SER A 88 -0.10 14.42 13.61
N GLU A 89 -0.83 15.44 13.15
CA GLU A 89 -1.57 15.41 11.89
C GLU A 89 -0.78 14.80 10.73
N ASP A 90 0.53 15.05 10.69
CA ASP A 90 1.37 14.54 9.61
C ASP A 90 1.90 13.12 9.79
N SER A 91 1.65 12.49 10.93
CA SER A 91 2.12 11.12 11.16
C SER A 91 1.32 10.13 10.34
N ALA A 92 2.00 9.40 9.47
CA ALA A 92 1.36 8.45 8.56
C ALA A 92 2.41 7.58 7.87
N VAL A 93 1.94 6.52 7.22
CA VAL A 93 2.77 5.74 6.29
C VAL A 93 2.82 6.52 4.98
N TYR A 94 4.03 6.71 4.43
CA TYR A 94 4.19 7.42 3.17
C TYR A 94 4.73 6.48 2.12
N TYR A 95 3.88 6.06 1.20
CA TYR A 95 4.35 5.27 0.07
C TYR A 95 4.89 6.17 -1.02
N CYS A 96 5.90 5.64 -1.71
CA CYS A 96 6.26 6.11 -3.03
C CYS A 96 5.88 4.98 -4.03
N ALA A 97 5.66 5.38 -5.28
CA ALA A 97 5.26 4.45 -6.33
C ALA A 97 5.77 4.96 -7.64
N ARG A 98 5.83 4.08 -8.64
CA ARG A 98 6.33 4.44 -9.96
C ARG A 98 5.24 4.38 -11.00
N GLU A 99 5.17 5.43 -11.83
CA GLU A 99 4.24 5.51 -12.94
C GLU A 99 4.99 5.71 -14.26
N ARG A 100 4.61 4.94 -15.27
CA ARG A 100 5.27 4.99 -16.57
C ARG A 100 4.70 6.10 -17.43
N GLY A 101 4.18 7.14 -16.80
CA GLY A 101 3.48 8.22 -17.51
C GLY A 101 2.30 7.70 -18.30
N ASP A 102 1.77 6.56 -17.86
CA ASP A 102 0.59 5.94 -18.47
C ASP A 102 -0.59 5.84 -17.49
N GLY A 103 -0.54 6.62 -16.42
CA GLY A 103 -1.68 6.87 -15.55
C GLY A 103 -1.91 5.96 -14.36
N TYR A 104 -1.14 4.88 -14.23
CA TYR A 104 -1.36 3.98 -13.10
C TYR A 104 -0.06 3.65 -12.42
N PHE A 105 -0.18 3.19 -11.17
CA PHE A 105 0.98 2.87 -10.34
C PHE A 105 1.22 1.39 -10.41
N ALA A 106 2.15 1.03 -11.29
CA ALA A 106 2.52 -0.36 -11.49
C ALA A 106 3.08 -0.94 -10.19
N VAL A 107 3.94 -0.19 -9.50
CA VAL A 107 4.63 -0.71 -8.32
C VAL A 107 4.72 0.30 -7.21
N TRP A 108 4.61 -0.19 -5.98
CA TRP A 108 4.65 0.64 -4.78
C TRP A 108 5.82 0.23 -3.91
N GLY A 109 6.39 1.20 -3.20
CA GLY A 109 7.31 0.91 -2.09
C GLY A 109 6.55 0.31 -0.91
N ALA A 110 7.29 -0.13 0.09
CA ALA A 110 6.69 -0.73 1.29
C ALA A 110 6.26 0.35 2.25
N GLY A 111 6.73 1.57 2.00
CA GLY A 111 6.26 2.72 2.73
C GLY A 111 7.06 2.94 3.98
N THR A 112 7.10 4.19 4.42
CA THR A 112 7.87 4.60 5.58
C THR A 112 6.91 5.12 6.62
N THR A 113 6.95 4.53 7.81
CA THR A 113 6.07 4.98 8.88
C THR A 113 6.67 6.21 9.52
N VAL A 114 6.09 7.36 9.26
CA VAL A 114 6.60 8.58 9.86
C VAL A 114 5.74 8.92 11.06
N THR A 115 6.39 9.04 12.21
CA THR A 115 5.71 9.34 13.46
C THR A 115 6.21 10.68 13.95
N VAL A 116 5.29 11.53 14.40
CA VAL A 116 5.61 12.86 14.90
C VAL A 116 5.27 13.02 16.37
N SER A 117 6.30 12.99 17.23
CA SER A 117 6.19 13.35 18.65
C SER A 117 7.58 13.68 19.20
N SER A 118 7.64 13.98 20.50
CA SER A 118 8.93 14.23 21.19
C SER A 118 9.47 13.00 21.93
N ALA A 119 8.62 12.00 22.15
CA ALA A 119 9.00 10.77 22.83
C ALA A 119 10.27 10.11 22.27
N LYS A 120 11.06 9.53 23.16
CA LYS A 120 12.36 8.96 22.82
C LYS A 120 12.21 7.60 22.14
N THR A 121 13.10 7.35 21.19
CA THR A 121 13.14 6.06 20.56
C THR A 121 13.52 5.04 21.60
N THR A 122 12.75 3.96 21.66
CA THR A 122 12.98 2.86 22.59
C THR A 122 12.93 1.55 21.82
N PRO A 123 13.99 0.77 21.85
CA PRO A 123 13.97 -0.51 21.19
C PRO A 123 13.06 -1.44 21.98
N PRO A 124 12.63 -2.53 21.36
CA PRO A 124 11.64 -3.41 21.97
C PRO A 124 12.21 -4.47 22.92
N SER A 125 11.44 -4.81 23.96
CA SER A 125 11.75 -5.96 24.81
C SER A 125 11.03 -7.19 24.26
N VAL A 126 11.77 -8.28 24.03
CA VAL A 126 11.17 -9.53 23.53
C VAL A 126 11.31 -10.68 24.54
N TYR A 127 10.17 -11.20 24.97
CA TYR A 127 10.11 -12.32 25.92
C TYR A 127 9.30 -13.45 25.30
N PRO A 128 9.81 -14.68 25.33
CA PRO A 128 9.07 -15.85 24.88
C PRO A 128 7.74 -16.09 25.59
N LEU A 129 6.90 -16.89 24.96
CA LEU A 129 5.62 -17.29 25.50
C LEU A 129 5.42 -18.75 25.16
N ALA A 130 5.97 -19.62 26.01
CA ALA A 130 5.76 -21.05 25.90
C ALA A 130 4.70 -21.47 26.90
N PRO A 131 4.00 -22.56 26.61
CA PRO A 131 2.92 -23.02 27.47
C PRO A 131 3.40 -23.40 28.88
N GLY A 132 2.48 -23.49 29.83
CA GLY A 132 2.78 -23.98 31.18
C GLY A 132 2.54 -25.49 31.30
N SER A 133 3.27 -26.14 32.22
CA SER A 133 3.31 -27.62 32.29
C SER A 133 1.98 -28.32 32.64
N ALA A 134 1.00 -27.58 33.16
CA ALA A 134 -0.35 -28.11 33.43
C ALA A 134 -1.28 -27.96 32.23
N ALA A 135 -0.79 -27.32 31.17
CA ALA A 135 -1.56 -27.13 29.94
C ALA A 135 -1.42 -28.35 29.04
N GLN A 136 -2.45 -29.19 29.08
CA GLN A 136 -2.60 -30.31 28.12
C GLN A 136 -2.53 -29.79 26.68
N THR A 137 -2.17 -30.68 25.76
CA THR A 137 -1.94 -30.28 24.38
C THR A 137 -2.71 -31.23 23.45
N ASN A 138 -3.27 -30.69 22.37
CA ASN A 138 -3.99 -31.51 21.38
C ASN A 138 -3.03 -31.81 20.22
N SER A 139 -3.52 -31.97 18.99
CA SER A 139 -2.63 -32.26 17.85
C SER A 139 -1.89 -31.03 17.30
N MET A 140 -2.20 -29.84 17.82
CA MET A 140 -1.50 -28.62 17.47
C MET A 140 -0.87 -28.00 18.73
N VAL A 141 -0.17 -26.88 18.58
CA VAL A 141 0.42 -26.22 19.74
C VAL A 141 0.74 -24.76 19.44
N THR A 142 0.20 -23.87 20.26
CA THR A 142 0.38 -22.45 20.06
C THR A 142 1.47 -21.87 20.94
N LEU A 143 2.51 -21.37 20.29
CA LEU A 143 3.59 -20.64 20.94
C LEU A 143 3.51 -19.21 20.50
N GLY A 144 4.34 -18.35 21.07
CA GLY A 144 4.35 -16.95 20.63
C GLY A 144 5.48 -16.21 21.29
N CYS A 145 5.59 -14.91 21.02
CA CYS A 145 6.46 -14.05 21.81
C CYS A 145 5.89 -12.65 21.95
N LEU A 146 6.46 -11.89 22.88
CA LEU A 146 5.89 -10.65 23.34
C LEU A 146 6.84 -9.49 23.13
N VAL A 147 6.53 -8.66 22.14
CA VAL A 147 7.28 -7.46 21.87
C VAL A 147 6.72 -6.38 22.78
N LYS A 148 7.55 -5.87 23.68
CA LYS A 148 7.11 -4.90 24.68
C LYS A 148 7.97 -3.65 24.77
N GLY A 149 7.31 -2.55 25.09
CA GLY A 149 7.95 -1.29 25.45
C GLY A 149 8.85 -0.75 24.36
N TYR A 150 8.26 -0.39 23.23
CA TYR A 150 9.00 0.26 22.14
C TYR A 150 8.30 1.50 21.60
N PHE A 151 9.09 2.30 20.89
CA PHE A 151 8.59 3.51 20.28
C PHE A 151 9.60 4.02 19.28
N PRO A 152 9.16 4.50 18.11
CA PRO A 152 7.78 4.43 17.66
C PRO A 152 7.55 3.17 16.85
N GLU A 153 6.33 3.01 16.36
CA GLU A 153 6.02 1.97 15.41
C GLU A 153 6.88 2.19 14.15
N PRO A 154 7.02 1.18 13.31
CA PRO A 154 6.46 -0.15 13.51
C PRO A 154 7.50 -1.17 13.96
N VAL A 155 7.05 -2.42 14.09
CA VAL A 155 7.93 -3.57 14.25
C VAL A 155 7.55 -4.64 13.27
N THR A 156 8.48 -5.53 12.96
CA THR A 156 8.22 -6.63 12.03
C THR A 156 8.56 -7.95 12.67
N VAL A 157 7.55 -8.78 12.83
CA VAL A 157 7.73 -10.06 13.44
C VAL A 157 7.62 -11.15 12.39
N THR A 158 8.69 -11.95 12.28
CA THR A 158 8.70 -13.15 11.45
C THR A 158 8.77 -14.37 12.37
N TRP A 159 8.64 -15.54 11.75
CA TRP A 159 8.80 -16.81 12.45
C TRP A 159 9.71 -17.72 11.62
N ASN A 160 10.85 -18.05 12.24
CA ASN A 160 11.97 -18.75 11.59
C ASN A 160 12.43 -17.99 10.35
N SER A 161 12.68 -16.70 10.56
CA SER A 161 13.15 -15.79 9.53
C SER A 161 12.15 -15.55 8.37
N GLY A 162 11.08 -16.33 8.30
CA GLY A 162 10.14 -16.21 7.21
C GLY A 162 9.57 -17.54 6.80
N SER A 163 10.38 -18.59 6.91
CA SER A 163 10.02 -19.95 6.47
C SER A 163 8.71 -20.45 7.06
N LEU A 164 8.42 -20.05 8.30
CA LEU A 164 7.17 -20.42 8.96
C LEU A 164 6.18 -19.28 8.80
N SER A 165 5.01 -19.60 8.27
CA SER A 165 4.06 -18.59 7.82
C SER A 165 2.62 -18.89 8.23
N SER A 166 1.99 -19.88 7.60
CA SER A 166 0.62 -20.23 7.96
C SER A 166 0.63 -20.62 9.44
N GLY A 167 -0.34 -20.10 10.20
CA GLY A 167 -0.40 -20.25 11.65
C GLY A 167 0.08 -19.07 12.49
N VAL A 168 0.30 -17.91 11.86
CA VAL A 168 0.83 -16.73 12.57
C VAL A 168 -0.17 -15.58 12.71
N HIS A 169 -0.39 -15.11 13.94
CA HIS A 169 -1.14 -13.87 14.22
C HIS A 169 -0.23 -12.86 14.87
N THR A 170 -0.31 -11.61 14.46
CA THR A 170 0.46 -10.55 15.06
C THR A 170 -0.45 -9.37 15.34
N PHE A 171 -1.03 -9.38 16.53
CA PHE A 171 -2.01 -8.40 16.94
C PHE A 171 -1.45 -6.97 16.85
N PRO A 172 -2.30 -6.00 16.55
CA PRO A 172 -1.93 -4.58 16.60
C PRO A 172 -1.24 -4.18 17.91
N ALA A 173 -0.34 -3.19 17.84
CA ALA A 173 0.30 -2.65 19.05
C ALA A 173 -0.78 -2.00 19.91
N VAL A 174 -0.41 -1.33 21.01
CA VAL A 174 -1.41 -0.68 21.88
C VAL A 174 -1.06 0.68 22.49
N LEU A 175 0.21 0.99 22.68
CA LEU A 175 0.62 2.28 23.29
C LEU A 175 0.07 2.51 24.70
N GLN A 176 0.81 2.01 25.68
CA GLN A 176 0.59 2.32 27.08
C GLN A 176 1.69 3.28 27.56
N SER A 177 1.35 4.58 27.64
CA SER A 177 2.29 5.62 28.02
C SER A 177 3.54 5.61 27.13
N ASP A 178 3.50 6.41 26.06
CA ASP A 178 4.62 6.58 25.10
C ASP A 178 5.44 5.32 24.81
N LEU A 179 4.83 4.15 24.94
CA LEU A 179 5.49 2.88 24.67
C LEU A 179 4.53 1.84 24.11
N TYR A 180 4.72 1.48 22.84
CA TYR A 180 3.88 0.49 22.20
C TYR A 180 4.18 -0.90 22.73
N THR A 181 3.23 -1.81 22.51
CA THR A 181 3.39 -3.22 22.90
C THR A 181 2.50 -4.13 22.08
N LEU A 182 3.08 -5.21 21.53
CA LEU A 182 2.29 -6.18 20.81
C LEU A 182 2.79 -7.61 20.99
N SER A 183 1.94 -8.55 20.59
CA SER A 183 2.23 -9.95 20.69
C SER A 183 2.02 -10.62 19.35
N SER A 184 2.80 -11.66 19.10
CA SER A 184 2.63 -12.48 17.92
C SER A 184 2.59 -13.94 18.34
N SER A 185 1.82 -14.75 17.63
CA SER A 185 1.61 -16.13 18.00
C SER A 185 1.72 -17.04 16.79
N VAL A 186 2.36 -18.19 16.97
CA VAL A 186 2.49 -19.18 15.92
C VAL A 186 1.82 -20.47 16.37
N THR A 187 1.37 -21.28 15.42
CA THR A 187 0.76 -22.56 15.72
C THR A 187 1.24 -23.64 14.77
N VAL A 188 1.87 -24.66 15.34
CA VAL A 188 2.44 -25.79 14.61
C VAL A 188 1.80 -27.07 15.17
N PRO A 189 1.91 -28.18 14.45
CA PRO A 189 1.46 -29.47 15.00
C PRO A 189 2.26 -29.87 16.24
N SER A 190 1.60 -30.54 17.19
CA SER A 190 2.18 -30.90 18.49
C SER A 190 3.47 -31.69 18.39
N SER A 191 3.50 -32.61 17.43
CA SER A 191 4.66 -33.47 17.19
C SER A 191 5.92 -32.65 16.91
N SER A 192 5.81 -31.72 15.97
CA SER A 192 6.93 -30.93 15.52
C SER A 192 7.65 -30.15 16.63
N TRP A 193 6.98 -29.86 17.74
CA TRP A 193 7.64 -29.05 18.79
C TRP A 193 8.63 -29.86 19.67
N PRO A 194 9.07 -29.30 20.79
CA PRO A 194 10.44 -28.78 20.97
C PRO A 194 11.50 -29.25 19.97
N SER A 195 11.17 -30.34 19.27
CA SER A 195 12.03 -31.02 18.32
C SER A 195 12.59 -30.08 17.28
N GLU A 196 11.71 -29.48 16.50
CA GLU A 196 12.12 -28.57 15.44
C GLU A 196 12.02 -27.18 16.01
N THR A 197 13.04 -26.37 15.75
CA THR A 197 13.14 -25.04 16.33
C THR A 197 11.99 -24.12 15.89
N VAL A 198 11.69 -23.13 16.74
CA VAL A 198 10.68 -22.10 16.47
C VAL A 198 11.19 -20.78 17.03
N THR A 199 11.63 -19.90 16.13
CA THR A 199 12.19 -18.61 16.52
C THR A 199 11.39 -17.47 15.92
N CYS A 200 11.07 -16.48 16.73
CA CYS A 200 10.53 -15.25 16.18
C CYS A 200 11.67 -14.24 16.04
N ASN A 201 11.70 -13.60 14.87
CA ASN A 201 12.66 -12.56 14.57
C ASN A 201 11.91 -11.24 14.60
N VAL A 202 12.46 -10.25 15.29
CA VAL A 202 11.75 -9.00 15.54
C VAL A 202 12.56 -7.80 15.10
N ALA A 203 12.25 -7.27 13.92
CA ALA A 203 12.91 -6.07 13.43
C ALA A 203 12.17 -4.82 13.93
N HIS A 204 12.91 -3.84 14.41
CA HIS A 204 12.33 -2.56 14.82
C HIS A 204 13.16 -1.44 14.20
N PRO A 205 12.80 -1.08 12.95
CA PRO A 205 13.49 -0.06 12.19
C PRO A 205 13.92 1.19 12.93
N ALA A 206 13.01 1.84 13.64
CA ALA A 206 13.32 3.13 14.27
C ALA A 206 14.50 3.09 15.25
N SER A 207 14.78 1.90 15.78
CA SER A 207 15.93 1.66 16.65
C SER A 207 17.15 1.24 15.83
N SER A 208 16.88 0.62 14.70
CA SER A 208 17.90 0.05 13.84
C SER A 208 18.32 -1.28 14.46
N THR A 209 17.36 -1.96 15.05
CA THR A 209 17.64 -3.15 15.85
C THR A 209 16.76 -4.29 15.42
N LYS A 210 17.32 -5.49 15.46
CA LYS A 210 16.58 -6.71 15.20
C LYS A 210 17.05 -7.77 16.20
N VAL A 211 16.13 -8.63 16.64
CA VAL A 211 16.45 -9.65 17.66
C VAL A 211 15.75 -10.99 17.41
N ASP A 212 16.38 -12.05 17.85
CA ASP A 212 15.79 -13.38 17.79
C ASP A 212 15.46 -13.90 19.18
N LYS A 213 14.61 -14.91 19.22
CA LYS A 213 14.31 -15.59 20.47
C LYS A 213 13.70 -16.94 20.13
N LYS A 214 14.43 -18.02 20.39
CA LYS A 214 13.88 -19.36 20.21
C LYS A 214 12.84 -19.56 21.30
N ILE A 215 11.77 -20.26 20.96
CA ILE A 215 10.78 -20.66 21.94
C ILE A 215 11.08 -22.10 22.35
N VAL A 216 11.84 -22.21 23.44
CA VAL A 216 12.12 -23.47 24.10
C VAL A 216 11.01 -23.76 25.11
N PRO A 217 10.82 -25.04 25.46
CA PRO A 217 9.83 -25.37 26.48
C PRO A 217 10.25 -24.82 27.84
N ARG A 218 9.29 -24.61 28.74
CA ARG A 218 9.59 -24.12 30.09
C ARG A 218 10.04 -25.29 30.98
N ASP A 219 10.85 -25.00 32.01
CA ASP A 219 11.37 -25.99 33.02
C ASP A 219 11.49 -27.47 32.58
N ASP B 1 -11.58 19.06 -9.08
CA ASP B 1 -10.83 17.78 -9.37
C ASP B 1 -11.82 16.62 -9.33
N ILE B 2 -11.44 15.49 -9.89
CA ILE B 2 -12.37 14.38 -10.02
C ILE B 2 -12.58 13.70 -8.68
N LEU B 3 -13.84 13.50 -8.35
CA LEU B 3 -14.23 12.86 -7.13
C LEU B 3 -14.68 11.43 -7.42
N LEU B 4 -14.00 10.48 -6.79
CA LEU B 4 -14.32 9.07 -6.91
C LEU B 4 -15.08 8.59 -5.68
N THR B 5 -16.20 7.90 -5.88
CA THR B 5 -17.12 7.55 -4.82
C THR B 5 -17.35 6.05 -4.71
N GLN B 6 -16.76 5.44 -3.70
CA GLN B 6 -16.87 4.00 -3.53
C GLN B 6 -17.93 3.68 -2.50
N SER B 7 -19.02 3.10 -2.98
CA SER B 7 -20.11 2.68 -2.11
C SER B 7 -20.57 1.25 -2.48
N PRO B 8 -20.88 0.42 -1.49
CA PRO B 8 -20.84 0.77 -0.07
C PRO B 8 -19.44 0.60 0.48
N ALA B 9 -19.19 1.23 1.63
CA ALA B 9 -17.88 1.22 2.26
C ALA B 9 -17.49 -0.17 2.74
N ILE B 10 -18.47 -1.00 3.04
CA ILE B 10 -18.19 -2.40 3.40
C ILE B 10 -19.06 -3.39 2.65
N LEU B 11 -18.47 -4.55 2.40
CA LEU B 11 -19.08 -5.56 1.58
C LEU B 11 -18.94 -6.90 2.29
N SER B 12 -20.07 -7.47 2.68
CA SER B 12 -20.08 -8.74 3.39
C SER B 12 -20.68 -9.83 2.52
N VAL B 13 -19.89 -10.87 2.28
CA VAL B 13 -20.23 -11.86 1.28
C VAL B 13 -19.88 -13.23 1.84
N SER B 14 -20.59 -14.25 1.38
CA SER B 14 -20.33 -15.62 1.80
C SER B 14 -19.28 -16.17 0.87
N PRO B 15 -18.45 -17.11 1.35
CA PRO B 15 -17.34 -17.61 0.54
C PRO B 15 -17.84 -18.13 -0.79
N GLY B 16 -17.12 -17.86 -1.86
CA GLY B 16 -17.49 -18.37 -3.16
C GLY B 16 -18.44 -17.51 -3.95
N GLU B 17 -19.34 -16.77 -3.29
CA GLU B 17 -20.31 -15.92 -4.03
C GLU B 17 -19.59 -14.96 -4.98
N ARG B 18 -20.32 -14.45 -5.96
CA ARG B 18 -19.81 -13.38 -6.83
C ARG B 18 -19.96 -12.07 -6.09
N VAL B 19 -18.92 -11.23 -6.14
CA VAL B 19 -18.92 -9.92 -5.46
C VAL B 19 -18.51 -8.79 -6.43
N SER B 20 -19.10 -7.61 -6.20
CA SER B 20 -18.93 -6.45 -7.07
C SER B 20 -18.74 -5.16 -6.28
N PHE B 21 -17.59 -4.50 -6.43
CA PHE B 21 -17.31 -3.18 -5.82
C PHE B 21 -17.57 -2.04 -6.78
N SER B 22 -18.27 -1.01 -6.34
CA SER B 22 -18.59 0.10 -7.21
C SER B 22 -17.69 1.31 -7.00
N CYS B 23 -17.52 2.10 -8.06
CA CYS B 23 -16.71 3.31 -8.05
C CYS B 23 -17.34 4.30 -9.01
N ARG B 24 -17.73 5.48 -8.54
CA ARG B 24 -18.39 6.46 -9.41
C ARG B 24 -17.67 7.80 -9.54
N ALA B 25 -17.54 8.27 -10.78
CA ALA B 25 -16.83 9.50 -11.06
C ALA B 25 -17.76 10.70 -11.07
N SER B 26 -17.20 11.82 -10.65
CA SER B 26 -17.90 13.09 -10.61
C SER B 26 -18.22 13.61 -12.01
N GLN B 27 -17.60 13.01 -13.03
CA GLN B 27 -17.77 13.44 -14.43
C GLN B 27 -17.16 12.35 -15.30
N SER B 28 -17.55 12.30 -16.57
CA SER B 28 -17.15 11.21 -17.45
C SER B 28 -15.65 11.17 -17.63
N ILE B 29 -15.05 10.01 -17.38
CA ILE B 29 -13.59 9.85 -17.46
C ILE B 29 -13.14 8.72 -18.40
N GLY B 30 -14.05 8.27 -19.25
CA GLY B 30 -13.75 7.20 -20.18
C GLY B 30 -13.51 5.91 -19.44
N THR B 31 -12.30 5.38 -19.57
CA THR B 31 -11.96 4.10 -18.94
C THR B 31 -10.69 4.24 -18.14
N ASP B 32 -10.35 5.47 -17.80
CA ASP B 32 -9.12 5.77 -17.10
C ASP B 32 -9.30 5.54 -15.61
N ILE B 33 -9.81 4.38 -15.26
CA ILE B 33 -9.89 4.01 -13.86
C ILE B 33 -8.95 2.83 -13.63
N HIS B 34 -8.37 2.73 -12.44
CA HIS B 34 -7.45 1.65 -12.13
C HIS B 34 -7.71 1.10 -10.73
N TRP B 35 -7.58 -0.21 -10.56
CA TRP B 35 -7.94 -0.82 -9.28
C TRP B 35 -6.74 -1.36 -8.49
N TYR B 36 -6.65 -0.94 -7.23
CA TYR B 36 -5.64 -1.43 -6.30
C TYR B 36 -6.23 -2.22 -5.14
N GLN B 37 -5.41 -3.13 -4.61
CA GLN B 37 -5.76 -3.96 -3.45
C GLN B 37 -4.76 -3.72 -2.32
N GLN B 38 -5.28 -3.57 -1.10
CA GLN B 38 -4.44 -3.39 0.07
C GLN B 38 -4.91 -4.30 1.19
N ARG B 39 -4.11 -5.33 1.47
CA ARG B 39 -4.32 -6.21 2.59
C ARG B 39 -3.77 -5.53 3.83
N THR B 40 -4.34 -5.89 4.98
CA THR B 40 -3.93 -5.36 6.29
C THR B 40 -2.40 -5.32 6.38
N ASN B 41 -1.86 -4.16 6.79
CA ASN B 41 -0.40 -3.97 6.92
C ASN B 41 0.40 -4.01 5.60
N GLY B 42 -0.28 -4.10 4.45
CA GLY B 42 0.41 -4.26 3.16
C GLY B 42 0.39 -3.03 2.29
N SER B 43 1.18 -3.03 1.22
CA SER B 43 1.19 -1.90 0.28
C SER B 43 0.10 -2.15 -0.76
N PRO B 44 -0.33 -1.11 -1.47
CA PRO B 44 -1.27 -1.30 -2.57
C PRO B 44 -0.72 -2.17 -3.70
N ARG B 45 -1.62 -2.80 -4.44
CA ARG B 45 -1.34 -3.90 -5.34
C ARG B 45 -2.23 -3.77 -6.57
N LEU B 46 -1.67 -3.27 -7.67
CA LEU B 46 -2.44 -3.02 -8.88
C LEU B 46 -3.11 -4.32 -9.31
N LEU B 47 -4.43 -4.29 -9.48
CA LEU B 47 -5.24 -5.47 -9.80
C LEU B 47 -5.72 -5.46 -11.24
N ILE B 48 -6.28 -4.32 -11.62
CA ILE B 48 -6.92 -4.13 -12.91
C ILE B 48 -6.54 -2.72 -13.33
N LYS B 49 -6.38 -2.48 -14.63
CA LYS B 49 -6.06 -1.13 -15.15
C LYS B 49 -6.97 -0.79 -16.32
N TYR B 50 -7.13 0.50 -16.60
CA TYR B 50 -8.15 0.96 -17.53
C TYR B 50 -9.45 0.12 -17.45
N ALA B 51 -9.99 0.02 -16.23
CA ALA B 51 -11.32 -0.55 -15.94
C ALA B 51 -11.47 -2.04 -16.16
N SER B 52 -10.74 -2.60 -17.12
CA SER B 52 -10.97 -3.99 -17.50
C SER B 52 -9.73 -4.77 -17.96
N GLU B 53 -8.69 -4.07 -18.38
CA GLU B 53 -7.45 -4.73 -18.73
C GLU B 53 -6.90 -5.41 -17.49
N SER B 54 -6.63 -6.70 -17.61
CA SER B 54 -6.10 -7.49 -16.50
C SER B 54 -4.61 -7.25 -16.35
N ILE B 55 -4.09 -7.60 -15.19
CA ILE B 55 -2.69 -7.44 -14.87
C ILE B 55 -2.08 -8.82 -14.69
N SER B 56 -0.91 -9.01 -15.28
CA SER B 56 -0.22 -10.28 -15.18
C SER B 56 0.18 -10.54 -13.73
N GLY B 57 -0.27 -11.68 -13.20
CA GLY B 57 0.03 -12.08 -11.83
C GLY B 57 -1.16 -12.02 -10.90
N ILE B 58 -2.34 -11.75 -11.45
CA ILE B 58 -3.57 -11.61 -10.64
C ILE B 58 -4.55 -12.74 -10.96
N PRO B 59 -5.13 -13.37 -9.95
CA PRO B 59 -6.11 -14.43 -10.18
C PRO B 59 -7.10 -14.09 -11.30
N SER B 60 -7.40 -15.10 -12.08
CA SER B 60 -8.33 -15.03 -13.20
C SER B 60 -9.72 -14.60 -12.74
N ARG B 61 -10.07 -14.91 -11.50
CA ARG B 61 -11.38 -14.50 -10.96
C ARG B 61 -11.51 -12.99 -10.75
N PHE B 62 -10.42 -12.23 -10.88
CA PHE B 62 -10.51 -10.77 -10.85
C PHE B 62 -10.82 -10.20 -12.23
N SER B 63 -11.85 -9.36 -12.28
CA SER B 63 -12.23 -8.66 -13.50
C SER B 63 -12.83 -7.30 -13.21
N GLY B 64 -13.08 -6.54 -14.25
CA GLY B 64 -13.63 -5.21 -14.08
C GLY B 64 -14.38 -4.77 -15.31
N SER B 65 -15.19 -3.73 -15.16
CA SER B 65 -16.04 -3.27 -16.24
C SER B 65 -16.50 -1.84 -15.98
N GLY B 66 -17.04 -1.21 -17.02
CA GLY B 66 -17.64 0.11 -16.90
C GLY B 66 -17.00 1.14 -17.80
N SER B 67 -17.65 2.28 -17.91
CA SER B 67 -17.17 3.37 -18.73
C SER B 67 -17.91 4.67 -18.39
N GLY B 68 -17.21 5.80 -18.52
CA GLY B 68 -17.80 7.10 -18.31
C GLY B 68 -17.72 7.52 -16.86
N THR B 69 -18.76 7.20 -16.10
CA THR B 69 -18.84 7.56 -14.68
C THR B 69 -19.09 6.38 -13.73
N ASP B 70 -19.58 5.24 -14.24
CA ASP B 70 -19.87 4.11 -13.38
C ASP B 70 -19.01 2.90 -13.74
N PHE B 71 -18.24 2.43 -12.76
CA PHE B 71 -17.22 1.38 -12.92
C PHE B 71 -17.34 0.31 -11.85
N THR B 72 -16.99 -0.93 -12.19
CA THR B 72 -17.17 -2.04 -11.26
C THR B 72 -16.01 -3.05 -11.27
N LEU B 73 -15.43 -3.33 -10.10
CA LEU B 73 -14.49 -4.44 -9.94
C LEU B 73 -15.23 -5.65 -9.39
N SER B 74 -15.02 -6.81 -10.01
CA SER B 74 -15.70 -8.03 -9.56
C SER B 74 -14.74 -9.14 -9.25
N ILE B 75 -15.20 -10.02 -8.35
CA ILE B 75 -14.52 -11.25 -8.01
C ILE B 75 -15.53 -12.37 -8.14
N ASN B 76 -15.24 -13.36 -8.97
CA ASN B 76 -16.19 -14.46 -9.17
C ASN B 76 -16.41 -15.30 -7.92
N SER B 77 -15.42 -16.10 -7.54
CA SER B 77 -15.53 -16.90 -6.32
C SER B 77 -14.59 -16.37 -5.27
N VAL B 78 -15.16 -15.66 -4.30
CA VAL B 78 -14.42 -14.98 -3.25
C VAL B 78 -13.72 -15.99 -2.36
N GLU B 79 -12.67 -15.56 -1.66
CA GLU B 79 -12.05 -16.41 -0.66
C GLU B 79 -11.09 -15.65 0.22
N SER B 80 -10.74 -16.30 1.32
CA SER B 80 -9.99 -15.71 2.41
C SER B 80 -8.90 -14.72 1.96
N GLU B 81 -8.12 -15.09 0.96
CA GLU B 81 -7.00 -14.27 0.53
C GLU B 81 -7.46 -12.95 -0.13
N ASP B 82 -8.76 -12.81 -0.38
CA ASP B 82 -9.33 -11.59 -0.94
C ASP B 82 -9.72 -10.56 0.08
N ILE B 83 -9.67 -10.92 1.36
CA ILE B 83 -10.07 -9.99 2.39
C ILE B 83 -9.03 -8.88 2.39
N ALA B 84 -9.49 -7.69 2.06
CA ALA B 84 -8.63 -6.51 1.88
C ALA B 84 -9.45 -5.23 1.67
N ASN B 85 -8.74 -4.10 1.56
CA ASN B 85 -9.36 -2.87 1.11
C ASN B 85 -9.11 -2.66 -0.36
N TYR B 86 -10.08 -2.09 -1.03
CA TYR B 86 -10.03 -1.94 -2.47
C TYR B 86 -10.26 -0.49 -2.82
N TYR B 87 -9.29 0.10 -3.53
CA TYR B 87 -9.34 1.49 -3.93
C TYR B 87 -9.35 1.59 -5.43
N CYS B 88 -10.03 2.59 -5.97
CA CYS B 88 -9.94 2.92 -7.38
C CYS B 88 -9.35 4.30 -7.57
N GLN B 89 -8.78 4.51 -8.74
CA GLN B 89 -7.92 5.65 -9.04
C GLN B 89 -8.15 6.07 -10.48
N GLN B 90 -8.27 7.37 -10.71
CA GLN B 90 -8.49 7.85 -12.07
C GLN B 90 -7.32 8.67 -12.58
N SER B 91 -7.06 8.51 -13.88
CA SER B 91 -6.03 9.24 -14.58
C SER B 91 -6.58 9.94 -15.83
N ASN B 92 -7.85 10.36 -15.80
CA ASN B 92 -8.45 11.05 -16.94
C ASN B 92 -7.96 12.50 -17.02
N ARG B 93 -8.28 13.28 -15.98
CA ARG B 93 -7.90 14.70 -15.90
C ARG B 93 -6.86 14.79 -14.83
N TRP B 94 -6.21 15.96 -14.70
CA TRP B 94 -4.97 15.99 -13.93
C TRP B 94 -5.19 15.50 -12.52
N PRO B 95 -5.28 16.36 -11.53
CA PRO B 95 -4.75 16.04 -10.19
C PRO B 95 -4.34 14.54 -10.02
N PHE B 96 -5.27 13.60 -10.25
CA PHE B 96 -5.15 12.11 -10.12
C PHE B 96 -5.76 11.89 -8.79
N THR B 97 -6.77 11.05 -8.70
CA THR B 97 -7.50 10.96 -7.45
C THR B 97 -7.86 9.53 -7.10
N PHE B 98 -8.01 9.27 -5.80
CA PHE B 98 -8.38 7.96 -5.32
C PHE B 98 -9.79 7.95 -4.83
N GLY B 99 -10.36 6.75 -4.73
CA GLY B 99 -11.64 6.52 -4.08
C GLY B 99 -11.46 6.37 -2.58
N SER B 100 -12.54 6.58 -1.83
CA SER B 100 -12.50 6.50 -0.37
C SER B 100 -12.11 5.10 0.12
N GLY B 101 -12.37 4.09 -0.72
CA GLY B 101 -12.00 2.71 -0.44
C GLY B 101 -13.22 1.94 0.02
N THR B 102 -13.26 0.64 -0.29
CA THR B 102 -14.22 -0.28 0.34
C THR B 102 -13.56 -1.58 0.79
N LYS B 103 -14.09 -2.10 1.89
CA LYS B 103 -13.53 -3.24 2.57
C LYS B 103 -14.37 -4.48 2.29
N LEU B 104 -13.72 -5.55 1.87
CA LEU B 104 -14.38 -6.82 1.61
C LEU B 104 -14.24 -7.70 2.80
N GLU B 105 -15.33 -8.38 3.15
CA GLU B 105 -15.39 -9.13 4.36
C GLU B 105 -16.25 -10.39 4.16
N ILE B 106 -15.69 -11.54 4.51
CA ILE B 106 -16.31 -12.83 4.18
C ILE B 106 -16.98 -13.46 5.37
N LYS B 107 -18.31 -13.53 5.34
CA LYS B 107 -19.08 -14.29 6.31
C LYS B 107 -18.81 -15.79 6.15
N ARG B 108 -18.40 -16.46 7.24
CA ARG B 108 -18.05 -17.89 7.20
C ARG B 108 -18.69 -18.65 8.37
N ALA B 109 -18.50 -19.97 8.41
CA ALA B 109 -19.09 -20.80 9.47
C ALA B 109 -18.57 -20.38 10.85
N ASP B 110 -19.37 -20.59 11.88
CA ASP B 110 -18.98 -20.16 13.22
C ASP B 110 -17.78 -20.94 13.68
N ALA B 111 -17.02 -20.35 14.59
CA ALA B 111 -15.82 -20.99 15.09
C ALA B 111 -15.57 -20.55 16.51
N ALA B 112 -15.33 -21.54 17.38
CA ALA B 112 -15.02 -21.29 18.78
C ALA B 112 -13.53 -20.97 18.85
N PRO B 113 -13.15 -20.10 19.77
CA PRO B 113 -11.77 -19.63 19.84
C PRO B 113 -10.89 -20.70 20.43
N THR B 114 -9.62 -20.67 20.07
CA THR B 114 -8.66 -21.58 20.64
C THR B 114 -7.88 -20.83 21.67
N VAL B 115 -8.26 -21.04 22.93
CA VAL B 115 -7.72 -20.26 24.03
C VAL B 115 -6.39 -20.85 24.49
N SER B 116 -5.47 -19.97 24.86
CA SER B 116 -4.13 -20.34 25.27
C SER B 116 -3.67 -19.33 26.28
N ILE B 117 -3.09 -19.81 27.37
CA ILE B 117 -2.67 -18.93 28.45
C ILE B 117 -1.17 -19.04 28.56
N PHE B 118 -0.52 -17.95 28.93
CA PHE B 118 0.94 -17.93 28.99
C PHE B 118 1.44 -17.22 30.23
N PRO B 119 2.18 -17.95 31.07
CA PRO B 119 2.86 -17.34 32.21
C PRO B 119 3.94 -16.36 31.77
N PRO B 120 4.26 -15.39 32.61
CA PRO B 120 5.33 -14.44 32.31
C PRO B 120 6.65 -15.16 32.21
N SER B 121 7.63 -14.53 31.60
CA SER B 121 8.90 -15.20 31.36
C SER B 121 9.91 -14.79 32.42
N SER B 122 10.79 -15.73 32.77
CA SER B 122 11.89 -15.46 33.69
C SER B 122 12.73 -14.31 33.15
N GLU B 123 13.00 -14.34 31.84
CA GLU B 123 13.68 -13.25 31.16
C GLU B 123 13.04 -11.95 31.59
N GLN B 124 11.72 -11.90 31.47
CA GLN B 124 10.92 -10.72 31.80
C GLN B 124 11.01 -10.36 33.27
N LEU B 125 10.72 -11.35 34.11
CA LEU B 125 10.64 -11.14 35.56
C LEU B 125 11.89 -10.44 36.14
N THR B 126 13.06 -10.78 35.59
CA THR B 126 14.34 -10.10 35.89
C THR B 126 14.27 -8.58 35.80
N SER B 127 13.37 -8.06 34.97
CA SER B 127 13.18 -6.62 34.81
C SER B 127 12.17 -6.08 35.84
N GLY B 128 11.80 -6.89 36.82
CA GLY B 128 10.83 -6.49 37.86
C GLY B 128 9.42 -6.32 37.34
N GLY B 129 9.12 -6.99 36.23
CA GLY B 129 7.79 -6.96 35.60
C GLY B 129 7.29 -8.37 35.32
N ALA B 130 5.99 -8.49 35.11
CA ALA B 130 5.37 -9.79 34.79
C ALA B 130 4.14 -9.57 33.90
N SER B 131 4.06 -10.32 32.82
CA SER B 131 2.94 -10.21 31.88
C SER B 131 2.36 -11.58 31.59
N VAL B 132 1.07 -11.75 31.89
CA VAL B 132 0.37 -12.97 31.57
C VAL B 132 -0.47 -12.75 30.30
N VAL B 133 -0.16 -13.53 29.27
CA VAL B 133 -0.77 -13.37 27.96
C VAL B 133 -1.84 -14.43 27.74
N CYS B 134 -2.93 -14.03 27.10
CA CYS B 134 -3.98 -14.97 26.74
C CYS B 134 -4.34 -14.77 25.27
N PHE B 135 -4.51 -15.87 24.54
CA PHE B 135 -4.87 -15.82 23.13
C PHE B 135 -6.21 -16.49 22.87
N LEU B 136 -7.11 -15.76 22.22
CA LEU B 136 -8.35 -16.31 21.73
C LEU B 136 -8.20 -16.33 20.21
N ASN B 137 -8.01 -17.50 19.62
CA ASN B 137 -7.61 -17.56 18.23
C ASN B 137 -8.57 -18.28 17.31
N ASN B 138 -8.72 -17.67 16.13
CA ASN B 138 -9.39 -18.27 15.00
C ASN B 138 -10.85 -18.58 15.29
N PHE B 139 -11.58 -17.53 15.63
CA PHE B 139 -13.01 -17.63 15.94
C PHE B 139 -13.84 -16.75 15.02
N TYR B 140 -15.12 -17.06 14.93
CA TYR B 140 -16.06 -16.32 14.12
C TYR B 140 -17.46 -16.64 14.63
N PRO B 141 -18.35 -15.65 14.77
CA PRO B 141 -18.12 -14.22 14.42
C PRO B 141 -17.12 -13.44 15.28
N LYS B 142 -16.93 -12.17 14.91
CA LYS B 142 -15.93 -11.31 15.55
C LYS B 142 -16.16 -11.03 17.04
N ASP B 143 -17.41 -11.08 17.50
CA ASP B 143 -17.74 -10.72 18.88
C ASP B 143 -17.24 -11.75 19.88
N ILE B 144 -16.65 -11.27 20.97
CA ILE B 144 -16.14 -12.15 22.03
C ILE B 144 -15.73 -11.35 23.26
N ASN B 145 -15.77 -11.99 24.44
CA ASN B 145 -15.49 -11.32 25.73
C ASN B 145 -14.52 -12.12 26.59
N VAL B 146 -13.41 -11.49 26.95
CA VAL B 146 -12.37 -12.14 27.76
C VAL B 146 -12.43 -11.58 29.17
N LYS B 147 -12.49 -12.46 30.16
CA LYS B 147 -12.56 -12.04 31.55
C LYS B 147 -11.34 -12.56 32.26
N TRP B 148 -10.75 -11.73 33.12
CA TRP B 148 -9.59 -12.15 33.90
C TRP B 148 -9.92 -12.32 35.37
N LYS B 149 -9.52 -13.47 35.93
CA LYS B 149 -9.64 -13.74 37.37
C LYS B 149 -8.29 -14.04 37.99
N ILE B 150 -8.02 -13.43 39.13
CA ILE B 150 -6.86 -13.78 39.94
C ILE B 150 -7.36 -14.40 41.24
N ASP B 151 -6.97 -15.65 41.47
CA ASP B 151 -7.38 -16.40 42.64
C ASP B 151 -8.90 -16.39 42.75
N GLY B 152 -9.57 -16.70 41.64
CA GLY B 152 -11.02 -16.76 41.60
C GLY B 152 -11.73 -15.42 41.64
N SER B 153 -10.98 -14.32 41.56
CA SER B 153 -11.57 -12.97 41.60
C SER B 153 -11.25 -12.11 40.36
N GLU B 154 -12.32 -11.62 39.73
CA GLU B 154 -12.26 -10.80 38.50
C GLU B 154 -11.32 -9.59 38.62
N ARG B 155 -10.21 -9.64 37.91
CA ARG B 155 -9.27 -8.52 37.85
C ARG B 155 -9.52 -7.75 36.57
N GLN B 156 -9.62 -6.42 36.67
CA GLN B 156 -9.82 -5.54 35.51
C GLN B 156 -8.64 -4.61 35.24
N ASN B 157 -7.95 -4.17 36.29
CA ASN B 157 -6.79 -3.30 36.12
C ASN B 157 -5.64 -4.10 35.53
N GLY B 158 -4.93 -3.47 34.60
CA GLY B 158 -3.75 -4.07 33.97
C GLY B 158 -4.01 -4.98 32.78
N VAL B 159 -5.19 -4.84 32.15
CA VAL B 159 -5.55 -5.65 30.98
C VAL B 159 -5.66 -4.81 29.70
N LEU B 160 -4.71 -4.98 28.78
CA LEU B 160 -4.82 -4.42 27.44
C LEU B 160 -5.14 -5.54 26.46
N ASN B 161 -6.15 -5.32 25.63
CA ASN B 161 -6.49 -6.26 24.58
C ASN B 161 -6.10 -5.75 23.20
N SER B 162 -6.20 -6.62 22.19
CA SER B 162 -6.04 -6.23 20.79
C SER B 162 -6.68 -7.27 19.89
N TRP B 163 -7.35 -6.80 18.83
CA TRP B 163 -8.08 -7.70 17.92
C TRP B 163 -7.43 -7.65 16.55
N THR B 164 -7.57 -8.70 15.76
CA THR B 164 -7.06 -8.66 14.41
C THR B 164 -8.21 -8.32 13.51
N ASP B 165 -7.86 -7.97 12.29
CA ASP B 165 -8.83 -7.92 11.22
C ASP B 165 -9.08 -9.33 10.74
N GLN B 166 -10.20 -9.50 10.05
CA GLN B 166 -10.56 -10.79 9.54
C GLN B 166 -9.35 -11.37 8.84
N ASP B 167 -8.92 -12.53 9.31
CA ASP B 167 -7.69 -13.15 8.87
C ASP B 167 -7.86 -13.65 7.44
N SER B 168 -6.90 -13.35 6.57
CA SER B 168 -7.04 -13.69 5.15
C SER B 168 -6.47 -15.07 4.83
N LYS B 169 -6.54 -15.99 5.80
CA LYS B 169 -6.29 -17.42 5.56
C LYS B 169 -7.57 -18.23 5.75
N ASP B 170 -8.31 -17.96 6.82
CA ASP B 170 -9.56 -18.68 7.08
C ASP B 170 -10.80 -17.78 7.25
N SER B 171 -10.66 -16.47 7.06
CA SER B 171 -11.77 -15.53 7.21
C SER B 171 -12.28 -15.46 8.65
N THR B 172 -11.38 -15.65 9.62
CA THR B 172 -11.72 -15.61 11.04
C THR B 172 -11.08 -14.45 11.74
N TYR B 173 -11.39 -14.34 13.02
CA TYR B 173 -10.84 -13.32 13.87
C TYR B 173 -10.05 -13.94 15.01
N SER B 174 -9.20 -13.13 15.60
CA SER B 174 -8.37 -13.52 16.72
C SER B 174 -8.25 -12.33 17.66
N MET B 175 -7.88 -12.58 18.91
CA MET B 175 -7.74 -11.55 19.93
C MET B 175 -6.65 -11.87 20.91
N SER B 176 -5.98 -10.84 21.45
CA SER B 176 -4.97 -11.04 22.47
C SER B 176 -5.27 -10.18 23.68
N SER B 177 -5.26 -10.79 24.86
CA SER B 177 -5.45 -10.07 26.12
C SER B 177 -4.25 -10.27 27.02
N THR B 178 -3.74 -9.16 27.52
CA THR B 178 -2.48 -9.12 28.24
C THR B 178 -2.65 -8.53 29.63
N LEU B 179 -2.51 -9.39 30.63
CA LEU B 179 -2.55 -8.97 32.02
C LEU B 179 -1.13 -8.72 32.50
N THR B 180 -0.84 -7.47 32.87
CA THR B 180 0.52 -7.05 33.22
C THR B 180 0.54 -6.60 34.66
N LEU B 181 1.49 -7.14 35.44
CA LEU B 181 1.64 -6.79 36.87
C LEU B 181 3.12 -6.76 37.24
N THR B 182 3.45 -6.04 38.32
CA THR B 182 4.83 -6.03 38.83
C THR B 182 5.09 -7.36 39.52
N LYS B 183 6.33 -7.87 39.40
CA LYS B 183 6.70 -9.16 39.95
C LYS B 183 6.07 -9.39 41.33
N ASP B 184 6.04 -8.37 42.17
CA ASP B 184 5.42 -8.45 43.51
C ASP B 184 3.95 -8.82 43.41
N GLU B 185 3.17 -7.91 42.85
CA GLU B 185 1.74 -8.09 42.64
C GLU B 185 1.48 -9.46 42.03
N TYR B 186 2.30 -9.81 41.05
CA TYR B 186 2.25 -11.12 40.43
C TYR B 186 2.60 -12.22 41.42
N GLU B 187 3.66 -12.01 42.20
CA GLU B 187 4.14 -13.01 43.16
C GLU B 187 3.26 -13.17 44.41
N ARG B 188 2.40 -12.20 44.69
CA ARG B 188 1.46 -12.32 45.82
C ARG B 188 0.05 -12.80 45.39
N HIS B 189 0.00 -13.66 44.38
CA HIS B 189 -1.24 -14.22 43.89
C HIS B 189 -0.98 -15.57 43.24
N ASN B 190 -1.78 -16.56 43.60
CA ASN B 190 -1.51 -17.95 43.24
C ASN B 190 -1.89 -18.31 41.80
N SER B 191 -3.18 -18.18 41.46
CA SER B 191 -3.68 -18.59 40.15
C SER B 191 -4.25 -17.43 39.31
N TYR B 192 -3.87 -17.46 38.03
CA TYR B 192 -4.37 -16.52 37.04
C TYR B 192 -5.21 -17.31 36.04
N THR B 193 -6.40 -16.82 35.78
CA THR B 193 -7.34 -17.51 34.91
C THR B 193 -7.96 -16.51 33.93
N CYS B 194 -8.09 -16.93 32.67
CA CYS B 194 -8.61 -16.07 31.64
C CYS B 194 -9.74 -16.82 30.90
N GLU B 195 -10.92 -16.20 30.88
CA GLU B 195 -12.17 -16.83 30.42
C GLU B 195 -12.76 -16.12 29.20
N ALA B 196 -13.01 -16.89 28.14
CA ALA B 196 -13.51 -16.34 26.89
C ALA B 196 -14.95 -16.71 26.72
N THR B 197 -15.80 -15.71 26.55
CA THR B 197 -17.22 -15.95 26.29
C THR B 197 -17.49 -15.59 24.85
N HIS B 198 -18.03 -16.54 24.12
CA HIS B 198 -18.21 -16.41 22.69
C HIS B 198 -19.47 -17.13 22.29
N LYS B 199 -20.12 -16.58 21.28
CA LYS B 199 -21.36 -17.11 20.72
C LYS B 199 -21.43 -18.65 20.61
N THR B 200 -20.33 -19.30 20.26
CA THR B 200 -20.31 -20.76 20.00
C THR B 200 -20.66 -21.64 21.18
N SER B 201 -20.53 -21.10 22.39
CA SER B 201 -20.73 -21.84 23.62
C SER B 201 -21.37 -20.98 24.70
N THR B 202 -22.38 -21.53 25.38
CA THR B 202 -23.02 -20.85 26.50
C THR B 202 -22.08 -20.81 27.72
N SER B 203 -21.40 -21.92 27.97
CA SER B 203 -20.33 -21.95 28.96
C SER B 203 -19.13 -21.20 28.39
N PRO B 204 -18.40 -20.49 29.25
CA PRO B 204 -17.22 -19.79 28.80
C PRO B 204 -16.11 -20.81 28.56
N ILE B 205 -15.14 -20.44 27.74
CA ILE B 205 -13.96 -21.26 27.56
C ILE B 205 -12.94 -20.66 28.52
N VAL B 206 -12.20 -21.53 29.20
CA VAL B 206 -11.35 -21.13 30.31
C VAL B 206 -9.97 -21.77 30.26
N LYS B 207 -8.95 -20.97 30.51
CA LYS B 207 -7.57 -21.45 30.56
C LYS B 207 -6.84 -20.68 31.67
N SER B 208 -6.13 -21.42 32.53
CA SER B 208 -5.49 -20.83 33.70
C SER B 208 -4.29 -21.63 34.17
N PHE B 209 -3.41 -20.98 34.92
CA PHE B 209 -2.23 -21.62 35.50
C PHE B 209 -2.01 -21.09 36.92
N ASN B 210 -1.48 -21.94 37.81
CA ASN B 210 -1.10 -21.53 39.17
C ASN B 210 0.38 -21.22 39.21
N ARG B 211 0.72 -20.09 39.83
CA ARG B 211 2.10 -19.60 39.82
C ARG B 211 3.15 -20.68 40.14
N ASN B 212 2.80 -21.61 41.03
CA ASN B 212 3.72 -22.70 41.44
C ASN B 212 3.66 -23.97 40.56
N SER C 22 19.87 11.25 -55.88
CA SER C 22 19.22 12.34 -55.08
C SER C 22 18.40 13.33 -55.96
N ALA C 23 18.30 14.57 -55.49
CA ALA C 23 17.41 15.61 -55.99
C ALA C 23 17.00 16.34 -54.72
N LEU C 24 17.07 17.67 -54.72
CA LEU C 24 16.80 18.45 -53.52
C LEU C 24 15.39 18.20 -52.98
N HIS C 25 14.40 18.34 -53.85
CA HIS C 25 13.00 18.28 -53.42
C HIS C 25 12.72 17.00 -52.64
N TRP C 26 13.14 15.86 -53.16
CA TRP C 26 12.91 14.61 -52.46
C TRP C 26 13.73 14.54 -51.17
N ARG C 27 14.91 15.15 -51.19
CA ARG C 27 15.78 15.15 -50.00
C ARG C 27 15.16 15.99 -48.88
N ALA C 28 14.49 17.07 -49.23
CA ALA C 28 13.81 17.87 -48.23
C ALA C 28 12.59 17.14 -47.66
N ALA C 29 11.85 16.43 -48.51
CA ALA C 29 10.72 15.67 -48.04
C ALA C 29 11.16 14.67 -46.98
N GLY C 30 12.16 13.87 -47.31
CA GLY C 30 12.72 12.94 -46.35
C GLY C 30 13.06 13.65 -45.07
N ALA C 31 13.89 14.69 -45.17
CA ALA C 31 14.31 15.46 -44.02
C ALA C 31 13.09 15.82 -43.18
N ALA C 32 12.15 16.51 -43.82
CA ALA C 32 10.91 16.95 -43.19
C ALA C 32 10.15 15.83 -42.47
N THR C 33 10.13 14.62 -43.03
CA THR C 33 9.51 13.49 -42.36
C THR C 33 10.24 13.12 -41.08
N VAL C 34 11.56 13.03 -41.16
CA VAL C 34 12.35 12.67 -40.01
C VAL C 34 12.09 13.71 -38.94
N LEU C 35 12.31 14.97 -39.30
CA LEU C 35 12.02 16.08 -38.43
C LEU C 35 10.62 15.97 -37.83
N LEU C 36 9.62 15.70 -38.65
CA LEU C 36 8.26 15.64 -38.13
C LEU C 36 8.15 14.61 -37.04
N VAL C 37 8.61 13.39 -37.35
CA VAL C 37 8.58 12.30 -36.38
C VAL C 37 9.24 12.67 -35.07
N ILE C 38 10.31 13.46 -35.13
CA ILE C 38 10.98 13.93 -33.92
C ILE C 38 10.17 14.99 -33.21
N VAL C 39 9.62 15.93 -33.98
CA VAL C 39 8.85 17.03 -33.41
C VAL C 39 7.64 16.48 -32.68
N LEU C 40 6.94 15.54 -33.30
CA LEU C 40 5.75 14.99 -32.66
C LEU C 40 6.05 13.81 -31.74
N LEU C 41 7.22 13.80 -31.13
CA LEU C 41 7.57 12.85 -30.08
C LEU C 41 7.98 13.71 -28.90
N ALA C 42 8.99 14.54 -29.11
CA ALA C 42 9.32 15.62 -28.19
C ALA C 42 8.04 16.38 -27.84
N GLY C 43 7.21 16.60 -28.86
CA GLY C 43 5.88 17.16 -28.69
C GLY C 43 5.11 16.45 -27.59
N SER C 44 4.82 15.17 -27.80
CA SER C 44 4.11 14.38 -26.78
C SER C 44 4.74 14.51 -25.39
N TYR C 45 6.06 14.38 -25.35
CA TYR C 45 6.76 14.35 -24.09
C TYR C 45 6.59 15.68 -23.40
N LEU C 46 6.93 16.74 -24.10
CA LEU C 46 6.81 18.07 -23.57
C LEU C 46 5.38 18.47 -23.29
N ALA C 47 4.43 17.97 -24.08
CA ALA C 47 3.02 18.26 -23.81
C ALA C 47 2.63 17.75 -22.42
N VAL C 48 2.92 16.49 -22.16
CA VAL C 48 2.65 15.90 -20.85
C VAL C 48 3.34 16.66 -19.73
N LEU C 49 4.61 16.97 -19.95
CA LEU C 49 5.41 17.68 -18.97
C LEU C 49 4.83 19.04 -18.60
N ALA C 50 4.31 19.73 -19.60
CA ALA C 50 3.72 21.06 -19.44
C ALA C 50 2.31 21.03 -18.84
N GLU C 51 1.56 19.98 -19.16
CA GLU C 51 0.13 19.92 -18.84
C GLU C 51 -0.15 19.35 -17.45
N ARG C 52 0.60 18.35 -17.02
CA ARG C 52 0.50 17.89 -15.66
C ARG C 52 0.78 19.07 -14.76
N GLY C 53 0.01 19.18 -13.69
CA GLY C 53 0.11 20.32 -12.76
C GLY C 53 -1.00 21.35 -12.94
N ALA C 54 -1.62 21.37 -14.12
CA ALA C 54 -2.78 22.24 -14.41
C ALA C 54 -4.07 21.46 -14.15
N PRO C 55 -4.79 21.80 -13.08
CA PRO C 55 -6.02 21.12 -12.72
C PRO C 55 -7.03 20.99 -13.85
N GLY C 56 -7.49 19.77 -14.10
CA GLY C 56 -8.44 19.52 -15.17
C GLY C 56 -7.80 19.23 -16.51
N ALA C 57 -6.49 19.39 -16.62
CA ALA C 57 -5.81 19.10 -17.87
C ALA C 57 -6.02 17.64 -18.26
N GLN C 58 -6.35 17.41 -19.52
CA GLN C 58 -6.68 16.09 -20.04
C GLN C 58 -5.48 15.47 -20.77
N LEU C 59 -4.55 16.30 -21.24
CA LEU C 59 -3.39 15.91 -22.08
C LEU C 59 -2.14 15.50 -21.26
N ILE C 60 -2.24 14.41 -20.49
CA ILE C 60 -1.29 14.11 -19.38
C ILE C 60 -0.72 12.68 -19.28
N THR C 61 -0.98 11.84 -20.25
CA THR C 61 -0.32 10.54 -20.31
C THR C 61 0.41 10.55 -21.63
N TYR C 62 1.46 9.72 -21.75
CA TYR C 62 2.30 9.74 -22.96
C TYR C 62 1.63 9.18 -24.23
N PRO C 63 1.08 7.97 -24.18
CA PRO C 63 0.56 7.35 -25.38
C PRO C 63 -0.50 8.21 -26.06
N ARG C 64 -1.58 8.51 -25.35
CA ARG C 64 -2.64 9.32 -25.94
C ARG C 64 -2.13 10.70 -26.38
N ALA C 65 -1.10 11.19 -25.67
CA ALA C 65 -0.51 12.49 -25.97
C ALA C 65 0.32 12.49 -27.24
N LEU C 66 0.71 11.30 -27.70
CA LEU C 66 1.37 11.17 -29.00
C LEU C 66 0.31 11.17 -30.09
N TRP C 67 -0.85 10.62 -29.76
CA TRP C 67 -1.97 10.59 -30.68
C TRP C 67 -2.50 12.01 -30.83
N TRP C 68 -2.41 12.78 -29.75
CA TRP C 68 -2.73 14.19 -29.83
C TRP C 68 -1.76 14.89 -30.77
N SER C 69 -0.48 14.53 -30.68
CA SER C 69 0.53 15.12 -31.55
C SER C 69 0.19 14.94 -33.03
N VAL C 70 -0.05 13.71 -33.45
CA VAL C 70 -0.34 13.44 -34.87
C VAL C 70 -1.58 14.20 -35.32
N GLU C 71 -2.68 13.93 -34.63
CA GLU C 71 -3.96 14.64 -34.77
C GLU C 71 -3.75 16.12 -35.01
N THR C 72 -2.93 16.73 -34.17
CA THR C 72 -2.69 18.16 -34.23
C THR C 72 -1.89 18.54 -35.46
N ALA C 73 -0.86 17.76 -35.77
CA ALA C 73 0.03 18.06 -36.89
C ALA C 73 -0.68 17.94 -38.23
N THR C 74 -1.67 17.06 -38.32
CA THR C 74 -2.47 16.95 -39.51
C THR C 74 -3.59 18.00 -39.56
N THR C 75 -3.62 18.92 -38.59
CA THR C 75 -4.70 19.94 -38.49
C THR C 75 -6.13 19.38 -38.38
N VAL C 76 -6.24 18.10 -38.04
CA VAL C 76 -7.54 17.46 -37.97
C VAL C 76 -8.14 17.64 -36.58
N GLY C 77 -7.35 18.09 -35.61
CA GLY C 77 -7.85 18.49 -34.28
C GLY C 77 -9.36 18.34 -34.06
N TYR C 78 -9.69 17.30 -33.30
CA TYR C 78 -11.06 16.86 -33.09
C TYR C 78 -11.60 17.52 -31.85
N GLY C 79 -10.81 17.42 -30.80
CA GLY C 79 -11.12 18.08 -29.56
C GLY C 79 -11.39 17.05 -28.50
N ASP C 80 -10.97 15.82 -28.77
CA ASP C 80 -10.89 14.84 -27.70
C ASP C 80 -9.78 15.22 -26.72
N LEU C 81 -8.74 15.87 -27.22
CA LEU C 81 -7.61 16.30 -26.39
C LEU C 81 -7.02 17.61 -26.87
N TYR C 82 -6.64 18.47 -25.93
CA TYR C 82 -5.98 19.72 -26.27
C TYR C 82 -5.28 20.33 -25.08
N PRO C 83 -4.23 21.09 -25.34
CA PRO C 83 -3.48 21.71 -24.28
C PRO C 83 -4.24 22.86 -23.71
N VAL C 84 -4.06 23.06 -22.40
CA VAL C 84 -4.75 24.11 -21.63
C VAL C 84 -3.78 25.15 -21.03
N THR C 85 -2.52 24.76 -20.80
CA THR C 85 -1.47 25.66 -20.31
C THR C 85 -0.80 26.46 -21.44
N LEU C 86 0.00 27.45 -21.04
CA LEU C 86 0.72 28.31 -21.96
C LEU C 86 1.76 27.54 -22.73
N TRP C 87 2.52 26.73 -22.01
CA TRP C 87 3.61 25.99 -22.65
C TRP C 87 3.10 24.80 -23.45
N GLY C 88 2.03 24.17 -22.97
CA GLY C 88 1.34 23.16 -23.79
C GLY C 88 0.97 23.74 -25.15
N ARG C 89 0.33 24.89 -25.10
CA ARG C 89 -0.08 25.58 -26.30
C ARG C 89 1.08 26.04 -27.13
N CYS C 90 2.18 26.43 -26.51
CA CYS C 90 3.40 26.68 -27.28
C CYS C 90 3.81 25.43 -28.04
N VAL C 91 4.07 24.36 -27.31
CA VAL C 91 4.39 23.08 -27.92
C VAL C 91 3.38 22.77 -29.03
N ALA C 92 2.12 23.01 -28.73
CA ALA C 92 1.07 22.78 -29.71
C ALA C 92 1.38 23.53 -31.02
N VAL C 93 1.59 24.83 -30.89
CA VAL C 93 1.87 25.68 -32.03
C VAL C 93 3.03 25.15 -32.87
N VAL C 94 4.07 24.67 -32.20
CA VAL C 94 5.24 24.13 -32.88
C VAL C 94 4.88 22.85 -33.64
N VAL C 95 4.05 22.03 -33.02
CA VAL C 95 3.65 20.79 -33.67
C VAL C 95 2.84 21.08 -34.94
N MET C 96 1.95 22.07 -34.86
CA MET C 96 1.04 22.41 -35.96
C MET C 96 1.84 22.83 -37.19
N VAL C 97 2.78 23.72 -36.93
CA VAL C 97 3.60 24.31 -37.96
C VAL C 97 4.52 23.27 -38.56
N ALA C 98 5.10 22.43 -37.71
CA ALA C 98 5.84 21.29 -38.18
C ALA C 98 4.95 20.44 -39.10
N GLY C 99 3.78 20.07 -38.63
CA GLY C 99 2.86 19.29 -39.46
C GLY C 99 2.59 19.93 -40.79
N ILE C 100 2.28 21.22 -40.79
CA ILE C 100 1.92 21.89 -42.05
C ILE C 100 3.12 22.04 -42.95
N THR C 101 4.17 22.65 -42.44
CA THR C 101 5.41 22.78 -43.17
C THR C 101 5.73 21.45 -43.82
N SER C 102 5.87 20.41 -43.03
CA SER C 102 6.16 19.10 -43.60
C SER C 102 5.25 18.77 -44.79
N PHE C 103 3.95 18.69 -44.54
CA PHE C 103 3.02 18.24 -45.59
C PHE C 103 3.00 19.16 -46.81
N GLY C 104 3.26 20.46 -46.61
CA GLY C 104 3.32 21.41 -47.73
C GLY C 104 4.57 21.18 -48.57
N LEU C 105 5.64 20.83 -47.89
CA LEU C 105 6.96 20.61 -48.48
C LEU C 105 7.01 19.31 -49.30
N VAL C 106 5.95 18.51 -49.19
CA VAL C 106 5.80 17.32 -49.99
C VAL C 106 5.01 17.71 -51.22
N THR C 107 3.94 18.49 -51.02
CA THR C 107 3.16 18.97 -52.13
C THR C 107 4.01 19.78 -53.09
N ALA C 108 4.86 20.63 -52.53
CA ALA C 108 5.80 21.41 -53.31
C ALA C 108 6.68 20.46 -54.10
N ALA C 109 7.24 19.49 -53.40
CA ALA C 109 8.11 18.47 -54.01
C ALA C 109 7.42 17.62 -55.09
N LEU C 110 6.12 17.42 -54.95
CA LEU C 110 5.35 16.70 -55.94
C LEU C 110 5.17 17.54 -57.20
N ALA C 111 4.92 18.83 -57.04
CA ALA C 111 4.79 19.71 -58.20
C ALA C 111 6.13 19.78 -58.95
N THR C 112 7.19 20.09 -58.21
CA THR C 112 8.54 20.10 -58.76
C THR C 112 8.81 18.92 -59.65
N TRP C 113 8.38 17.77 -59.18
CA TRP C 113 8.52 16.54 -59.91
C TRP C 113 7.65 16.54 -61.16
N PHE C 114 6.36 16.73 -60.98
CA PHE C 114 5.43 16.78 -62.10
C PHE C 114 5.87 17.79 -63.16
N VAL C 115 6.28 18.97 -62.70
CA VAL C 115 6.67 20.04 -63.59
C VAL C 115 7.92 19.67 -64.38
N GLY C 116 8.86 18.99 -63.72
CA GLY C 116 10.04 18.47 -64.39
C GLY C 116 9.64 17.53 -65.53
N ARG C 117 8.70 16.64 -65.25
CA ARG C 117 8.25 15.64 -66.20
C ARG C 117 7.48 16.20 -67.37
N GLU C 118 6.53 17.09 -67.08
CA GLU C 118 5.71 17.66 -68.13
C GLU C 118 6.58 18.29 -69.21
N GLN C 119 7.67 18.92 -68.79
CA GLN C 119 8.62 19.51 -69.73
C GLN C 119 9.28 18.51 -70.66
N GLU C 120 9.37 17.25 -70.24
CA GLU C 120 9.92 16.18 -71.11
C GLU C 120 8.91 15.72 -72.14
N ARG C 121 7.70 15.45 -71.68
CA ARG C 121 6.57 15.16 -72.56
C ARG C 121 6.52 16.16 -73.73
N ARG C 122 6.75 17.44 -73.44
CA ARG C 122 6.73 18.52 -74.45
C ARG C 122 8.06 18.65 -75.19
N GLY C 123 9.06 17.87 -74.78
CA GLY C 123 10.37 17.91 -75.39
C GLY C 123 11.11 19.19 -75.07
N HIS C 124 11.00 19.66 -73.82
CA HIS C 124 11.66 20.88 -73.34
C HIS C 124 12.74 20.54 -72.32
TL TL D . -13.31 19.81 -33.18
TL TL E . -9.58 20.78 -38.44
TL TL F . -7.70 21.27 -41.10
TL TL G . -3.60 22.33 -46.88
CO CO H . 13.10 26.67 -70.43
AS T1A I . -16.43 19.04 -29.00
AS T1A I . -16.36 19.03 -28.99
C1 T1A I . -14.65 19.69 -29.12
C1 T1A I . -15.16 17.78 -29.75
C2 T1A I . -14.12 19.97 -27.73
C2 T1A I . -15.13 16.51 -28.94
C3 T1A I . -17.09 18.67 -30.73
C3 T1A I . -16.35 20.64 -29.98
C4 T1A I . -18.45 18.00 -30.67
C4 T1A I . -17.29 21.65 -29.35
C5 T1A I . -17.53 20.36 -28.20
C5 T1A I . -15.84 19.37 -27.19
C6 T1A I . -17.47 21.64 -29.00
C6 T1A I . -14.43 19.92 -27.17
C7 T1A I . -16.47 17.44 -27.97
C7 T1A I . -18.12 18.29 -29.04
C8 T1A I . -15.65 16.36 -28.65
C8 T1A I . -18.53 18.03 -30.47
#